data_6GNC
#
_entry.id   6GNC
#
_cell.length_a   80.805
_cell.length_b   175.784
_cell.length_c   67.111
_cell.angle_alpha   90.00
_cell.angle_beta   90.00
_cell.angle_gamma   90.00
#
_symmetry.space_group_name_H-M   'C 2 2 2'
#
loop_
_entity.id
_entity.type
_entity.pdbx_description
1 polymer 'Thioredoxin reductase'
2 non-polymer 'FLAVIN-ADENINE DINUCLEOTIDE'
3 non-polymer DI(HYDROXYETHYL)ETHER
4 water water
#
_entity_poly.entity_id   1
_entity_poly.type   'polypeptide(L)'
_entity_poly.pdbx_seq_one_letter_code
;GSHMDRYDIAIIGSGPAGLSAAINAVIRNKKVILFGSDNLSNKLLKAPKINNYLGIYDVSGKELKEKFLEHLKYMNIEIK
NEKVNSVYSMGDYFALSLNQKMYEATSIIIASGVEFSKPLNGEDELLGKGVGYCATCDAPLYKGKTVAIVGYTKEAEEEA
NYVSELAGKLYYIPMYKDKVSLKEVIEVVEDKPISILGKDKVSGLQMSKGEINTDAVFIIKDSVSPGKLVPGLLMNGEHI
AVDIDMKTNIEGCFAAGDCAGRPYQYIKSAGQGQIAALSAVSYIDKIKLNKKII
;
_entity_poly.pdbx_strand_id   A
#
loop_
_chem_comp.id
_chem_comp.type
_chem_comp.name
_chem_comp.formula
FAD non-polymer 'FLAVIN-ADENINE DINUCLEOTIDE' 'C27 H33 N9 O15 P2'
PEG non-polymer DI(HYDROXYETHYL)ETHER 'C4 H10 O3'
#
# COMPACT_ATOMS: atom_id res chain seq x y z
N MET A 4 -1.91 22.05 -6.68
CA MET A 4 -1.65 23.41 -6.25
C MET A 4 -1.57 23.49 -4.72
N ASP A 5 -2.63 23.09 -4.05
CA ASP A 5 -2.64 23.10 -2.60
C ASP A 5 -1.60 22.10 -2.13
N ARG A 6 -0.78 22.49 -1.17
CA ARG A 6 0.26 21.59 -0.70
C ARG A 6 0.09 21.24 0.76
N TYR A 7 0.10 19.94 1.04
CA TYR A 7 -0.02 19.45 2.39
C TYR A 7 1.32 19.53 3.10
N ASP A 8 1.28 19.58 4.43
CA ASP A 8 2.50 19.61 5.22
C ASP A 8 3.09 18.21 5.27
N ILE A 9 2.23 17.23 5.44
CA ILE A 9 2.66 15.84 5.59
C ILE A 9 1.67 14.94 4.83
N ALA A 10 2.19 14.05 3.99
CA ALA A 10 1.41 12.98 3.39
C ALA A 10 1.83 11.67 4.04
N ILE A 11 0.84 10.91 4.51
CA ILE A 11 1.07 9.66 5.23
C ILE A 11 0.56 8.53 4.37
N ILE A 12 1.45 7.62 3.98
CA ILE A 12 1.10 6.50 3.11
C ILE A 12 0.92 5.27 3.98
N GLY A 13 -0.33 4.96 4.27
CA GLY A 13 -0.69 3.80 5.06
C GLY A 13 -1.61 4.15 6.22
N SER A 14 -2.55 3.24 6.49
CA SER A 14 -3.63 3.45 7.44
C SER A 14 -3.70 2.36 8.51
N GLY A 15 -2.62 1.64 8.70
CA GLY A 15 -2.48 0.80 9.88
C GLY A 15 -2.12 1.63 11.09
N PRO A 16 -1.81 0.98 12.21
CA PRO A 16 -1.52 1.77 13.42
C PRO A 16 -0.38 2.76 13.26
N ALA A 17 0.66 2.46 12.48
CA ALA A 17 1.73 3.44 12.28
C ALA A 17 1.18 4.71 11.62
N GLY A 18 0.46 4.57 10.51
CA GLY A 18 -0.05 5.74 9.82
C GLY A 18 -1.07 6.52 10.63
N LEU A 19 -1.95 5.80 11.34
CA LEU A 19 -2.98 6.47 12.14
C LEU A 19 -2.35 7.23 13.29
N SER A 20 -1.39 6.62 14.00
CA SER A 20 -0.72 7.32 15.08
C SER A 20 0.03 8.54 14.55
N ALA A 21 0.67 8.41 13.39
CA ALA A 21 1.32 9.55 12.76
C ALA A 21 0.32 10.67 12.46
N ALA A 22 -0.81 10.32 11.87
CA ALA A 22 -1.79 11.33 11.50
C ALA A 22 -2.34 12.06 12.72
N ILE A 23 -2.66 11.32 13.78
CA ILE A 23 -3.21 11.96 14.96
C ILE A 23 -2.19 12.92 15.58
N ASN A 24 -0.92 12.50 15.64
CA ASN A 24 0.07 13.33 16.29
C ASN A 24 0.39 14.57 15.44
N ALA A 25 0.35 14.43 14.12
CA ALA A 25 0.62 15.57 13.25
C ALA A 25 -0.51 16.59 13.31
N VAL A 26 -1.75 16.12 13.37
CA VAL A 26 -2.90 17.02 13.46
C VAL A 26 -2.92 17.76 14.79
N ILE A 27 -2.54 17.05 15.85
CA ILE A 27 -2.49 17.62 17.19
C ILE A 27 -1.48 18.75 17.19
N ARG A 28 -0.48 18.62 16.34
CA ARG A 28 0.53 19.66 16.18
C ARG A 28 0.20 20.76 15.12
N ASN A 29 -1.07 20.91 14.69
CA ASN A 29 -1.53 21.90 13.74
C ASN A 29 -0.95 21.80 12.34
N LYS A 30 -0.62 20.59 11.89
CA LYS A 30 -0.17 20.45 10.52
C LYS A 30 -1.31 19.99 9.61
N LYS A 31 -1.20 20.35 8.32
CA LYS A 31 -2.16 19.97 7.29
C LYS A 31 -1.72 18.61 6.74
N VAL A 32 -2.53 17.59 7.02
CA VAL A 32 -2.17 16.21 6.74
C VAL A 32 -3.11 15.58 5.73
N ILE A 33 -2.57 14.73 4.87
CA ILE A 33 -3.34 13.82 4.04
C ILE A 33 -2.94 12.39 4.35
N LEU A 34 -3.94 11.53 4.59
CA LEU A 34 -3.77 10.16 5.07
C LEU A 34 -4.34 9.22 4.02
N PHE A 35 -3.48 8.43 3.40
CA PHE A 35 -3.90 7.50 2.36
C PHE A 35 -4.00 6.10 2.92
N GLY A 36 -5.00 5.36 2.47
CA GLY A 36 -5.10 3.97 2.87
C GLY A 36 -6.47 3.39 2.65
N SER A 37 -6.93 2.58 3.60
CA SER A 37 -8.14 1.79 3.49
C SER A 37 -9.11 2.16 4.61
N ASP A 38 -10.40 2.24 4.27
CA ASP A 38 -11.41 2.42 5.31
C ASP A 38 -11.41 1.27 6.31
N ASN A 39 -10.95 0.08 5.89
CA ASN A 39 -10.78 -1.06 6.80
C ASN A 39 -9.53 -0.92 7.66
N LEU A 40 -8.73 0.12 7.42
CA LEU A 40 -7.46 0.39 8.09
C LEU A 40 -6.34 -0.58 7.64
N SER A 41 -6.49 -1.85 7.97
CA SER A 41 -5.46 -2.85 7.68
C SER A 41 -6.11 -4.22 7.65
N ASN A 42 -5.82 -5.01 6.64
CA ASN A 42 -6.39 -6.36 6.69
C ASN A 42 -5.75 -7.19 7.80
N LYS A 43 -4.58 -6.80 8.29
CA LYS A 43 -3.93 -7.60 9.33
C LYS A 43 -4.58 -7.39 10.68
N LEU A 44 -5.11 -6.19 10.91
CA LEU A 44 -5.99 -5.97 12.04
C LEU A 44 -7.21 -6.86 11.94
N LEU A 45 -7.87 -6.84 10.78
CA LEU A 45 -9.14 -7.53 10.67
C LEU A 45 -8.99 -9.01 10.94
N LYS A 46 -7.85 -9.58 10.57
CA LYS A 46 -7.55 -10.99 10.78
C LYS A 46 -7.33 -11.50 12.22
N ALA A 47 -6.69 -10.70 13.08
CA ALA A 47 -6.35 -11.17 14.43
C ALA A 47 -7.52 -11.55 15.35
N PRO A 48 -7.49 -12.77 15.95
CA PRO A 48 -8.58 -13.20 16.84
C PRO A 48 -8.70 -12.55 18.24
N LYS A 49 -7.60 -12.43 18.97
CA LYS A 49 -7.59 -11.84 20.31
C LYS A 49 -6.27 -11.11 20.45
N ILE A 50 -6.27 -9.94 21.07
CA ILE A 50 -5.04 -9.16 21.15
C ILE A 50 -4.87 -8.72 22.59
N ASN A 51 -3.78 -9.15 23.23
CA ASN A 51 -3.54 -8.76 24.62
C ASN A 51 -2.24 -8.01 24.83
N ASN A 52 -1.55 -7.71 23.72
CA ASN A 52 -0.29 -6.97 23.81
C ASN A 52 -0.31 -5.46 23.43
N TYR A 53 -1.48 -4.81 23.35
CA TYR A 53 -1.53 -3.39 23.05
C TYR A 53 -1.84 -2.79 24.40
N LEU A 54 -0.91 -2.04 24.99
CA LEU A 54 -1.13 -1.53 26.35
C LEU A 54 -2.38 -0.63 26.46
N GLY A 55 -3.22 -0.89 27.46
CA GLY A 55 -4.45 -0.14 27.67
C GLY A 55 -5.73 -0.65 27.03
N ILE A 56 -5.68 -1.49 26.00
CA ILE A 56 -6.89 -2.05 25.41
C ILE A 56 -6.63 -3.55 25.40
N TYR A 57 -7.39 -4.33 26.14
CA TYR A 57 -7.09 -5.75 26.22
C TYR A 57 -8.28 -6.65 25.96
N ASP A 58 -7.98 -7.89 25.61
CA ASP A 58 -9.00 -8.91 25.33
C ASP A 58 -9.93 -8.48 24.22
N VAL A 59 -9.34 -7.95 23.16
CA VAL A 59 -10.11 -7.47 22.02
C VAL A 59 -9.68 -8.22 20.77
N SER A 60 -10.63 -8.42 19.87
CA SER A 60 -10.28 -8.92 18.56
C SER A 60 -9.75 -7.78 17.69
N GLY A 61 -9.18 -8.15 16.55
CA GLY A 61 -8.69 -7.13 15.63
C GLY A 61 -9.80 -6.23 15.12
N LYS A 62 -10.99 -6.79 14.92
CA LYS A 62 -12.12 -5.97 14.48
C LYS A 62 -12.53 -4.97 15.57
N GLU A 63 -12.49 -5.39 16.84
CA GLU A 63 -12.82 -4.47 17.93
C GLU A 63 -11.75 -3.39 18.07
N LEU A 64 -10.49 -3.79 17.93
CA LEU A 64 -9.39 -2.84 17.97
C LEU A 64 -9.48 -1.84 16.80
N LYS A 65 -9.82 -2.30 15.60
CA LYS A 65 -9.97 -1.42 14.45
C LYS A 65 -11.06 -0.38 14.72
N GLU A 66 -12.16 -0.81 15.30
CA GLU A 66 -13.24 0.12 15.63
C GLU A 66 -12.79 1.20 16.62
N LYS A 67 -12.00 0.85 17.64
CA LYS A 67 -11.52 1.84 18.57
C LYS A 67 -10.62 2.83 17.83
N PHE A 68 -9.80 2.33 16.91
CA PHE A 68 -8.95 3.22 16.12
C PHE A 68 -9.81 4.17 15.29
N LEU A 69 -10.85 3.62 14.64
CA LEU A 69 -11.73 4.43 13.81
C LEU A 69 -12.41 5.51 14.62
N GLU A 70 -12.86 5.16 15.83
CA GLU A 70 -13.53 6.14 16.68
C GLU A 70 -12.60 7.29 17.03
N HIS A 71 -11.32 6.98 17.33
CA HIS A 71 -10.33 8.00 17.65
C HIS A 71 -10.13 8.95 16.47
N LEU A 72 -9.97 8.38 15.28
CA LEU A 72 -9.78 9.19 14.08
C LEU A 72 -10.94 10.16 13.87
N LYS A 73 -12.18 9.67 14.02
CA LYS A 73 -13.34 10.53 13.83
C LYS A 73 -13.44 11.58 14.93
N TYR A 74 -13.04 11.24 16.15
CA TYR A 74 -13.01 12.26 17.17
C TYR A 74 -12.08 13.39 16.77
N MET A 75 -10.95 13.05 16.12
CA MET A 75 -9.95 14.02 15.71
C MET A 75 -10.28 14.65 14.36
N ASN A 76 -11.42 14.27 13.80
CA ASN A 76 -11.85 14.76 12.50
C ASN A 76 -10.83 14.49 11.40
N ILE A 77 -10.26 13.29 11.37
CA ILE A 77 -9.26 12.93 10.37
C ILE A 77 -9.90 11.99 9.38
N GLU A 78 -9.74 12.30 8.11
CA GLU A 78 -10.33 11.50 7.04
C GLU A 78 -9.27 10.70 6.33
N ILE A 79 -9.64 9.48 5.93
CA ILE A 79 -8.73 8.63 5.20
C ILE A 79 -9.06 8.69 3.73
N LYS A 80 -8.09 9.07 2.93
CA LYS A 80 -8.28 9.12 1.47
C LYS A 80 -8.12 7.70 0.93
N ASN A 81 -9.22 7.13 0.46
CA ASN A 81 -9.20 5.75 -0.02
C ASN A 81 -8.69 5.65 -1.44
N GLU A 82 -7.42 5.97 -1.61
CA GLU A 82 -6.77 5.92 -2.89
C GLU A 82 -5.41 5.29 -2.67
N LYS A 83 -4.90 4.58 -3.66
CA LYS A 83 -3.63 3.91 -3.54
C LYS A 83 -2.52 4.77 -4.16
N VAL A 84 -1.47 5.08 -3.39
CA VAL A 84 -0.38 5.87 -3.91
C VAL A 84 0.49 4.92 -4.74
N ASN A 85 0.81 5.33 -5.95
CA ASN A 85 1.60 4.49 -6.84
C ASN A 85 3.08 4.83 -6.85
N SER A 86 3.43 6.10 -6.68
CA SER A 86 4.83 6.51 -6.68
C SER A 86 4.94 7.85 -5.97
N VAL A 87 6.16 8.11 -5.51
CA VAL A 87 6.52 9.39 -4.89
C VAL A 87 7.89 9.79 -5.42
N TYR A 88 8.00 11.03 -5.91
CA TYR A 88 9.26 11.60 -6.35
C TYR A 88 9.50 12.91 -5.63
N SER A 89 10.75 13.18 -5.29
CA SER A 89 11.11 14.50 -4.82
C SER A 89 11.03 15.48 -5.99
N MET A 90 10.62 16.70 -5.67
CA MET A 90 10.62 17.82 -6.60
C MET A 90 11.41 18.99 -6.05
N GLY A 91 12.40 18.71 -5.22
CA GLY A 91 13.15 19.79 -4.60
C GLY A 91 12.77 19.89 -3.14
N ASP A 92 11.97 20.89 -2.78
CA ASP A 92 11.58 21.06 -1.38
C ASP A 92 10.17 20.53 -1.10
N TYR A 93 9.65 19.68 -1.98
CA TYR A 93 8.42 18.96 -1.72
C TYR A 93 8.46 17.65 -2.46
N PHE A 94 7.43 16.85 -2.22
CA PHE A 94 7.26 15.56 -2.83
C PHE A 94 5.99 15.54 -3.66
N ALA A 95 6.07 14.88 -4.80
CA ALA A 95 4.93 14.66 -5.68
C ALA A 95 4.46 13.22 -5.55
N LEU A 96 3.19 13.05 -5.15
CA LEU A 96 2.59 11.73 -4.96
C LEU A 96 1.65 11.48 -6.13
N SER A 97 1.88 10.38 -6.83
CA SER A 97 1.09 10.06 -8.00
C SER A 97 0.12 8.92 -7.72
N LEU A 98 -1.13 9.16 -8.08
CA LEU A 98 -2.19 8.18 -8.00
C LEU A 98 -2.82 8.05 -9.38
N ASN A 99 -3.73 7.11 -9.48
CA ASN A 99 -4.44 6.94 -10.73
C ASN A 99 -5.11 8.27 -11.05
N GLN A 100 -4.61 8.89 -12.10
CA GLN A 100 -5.14 10.11 -12.70
C GLN A 100 -5.27 11.25 -11.68
N LYS A 101 -4.32 11.35 -10.75
CA LYS A 101 -4.39 12.39 -9.73
C LYS A 101 -3.00 12.52 -9.12
N MET A 102 -2.63 13.75 -8.75
CA MET A 102 -1.37 13.99 -8.05
C MET A 102 -1.61 14.88 -6.85
N TYR A 103 -0.85 14.64 -5.78
CA TYR A 103 -0.86 15.49 -4.61
C TYR A 103 0.55 15.95 -4.34
N GLU A 104 0.68 17.07 -3.63
CA GLU A 104 1.98 17.58 -3.19
C GLU A 104 2.03 17.62 -1.67
N ALA A 105 3.20 17.29 -1.10
CA ALA A 105 3.41 17.43 0.34
C ALA A 105 4.87 17.78 0.63
N THR A 106 5.07 18.62 1.65
CA THR A 106 6.42 19.02 2.03
C THR A 106 7.22 17.84 2.59
N SER A 107 6.54 16.96 3.31
CA SER A 107 7.18 15.78 3.88
C SER A 107 6.28 14.58 3.71
N ILE A 108 6.88 13.39 3.76
CA ILE A 108 6.13 12.16 3.65
C ILE A 108 6.51 11.20 4.77
N ILE A 109 5.54 10.38 5.16
CA ILE A 109 5.73 9.29 6.13
C ILE A 109 5.27 8.00 5.45
N ILE A 110 6.21 7.05 5.26
CA ILE A 110 5.91 5.76 4.67
C ILE A 110 5.53 4.81 5.81
N ALA A 111 4.30 4.31 5.75
CA ALA A 111 3.72 3.47 6.82
C ALA A 111 2.90 2.35 6.17
N SER A 112 3.50 1.70 5.17
CA SER A 112 2.78 0.86 4.24
C SER A 112 2.70 -0.61 4.64
N GLY A 113 3.32 -0.99 5.75
CA GLY A 113 3.39 -2.37 6.14
C GLY A 113 4.36 -3.15 5.29
N VAL A 114 4.26 -4.47 5.39
CA VAL A 114 5.10 -5.40 4.66
C VAL A 114 4.26 -6.49 4.04
N GLU A 115 4.78 -7.13 3.00
CA GLU A 115 4.07 -8.21 2.35
C GLU A 115 4.83 -9.49 2.56
N PHE A 116 4.14 -10.50 3.09
CA PHE A 116 4.77 -11.80 3.33
C PHE A 116 5.24 -12.49 2.05
N SER A 117 4.45 -12.45 0.98
CA SER A 117 4.81 -13.08 -0.28
C SER A 117 5.94 -12.35 -0.99
N LYS A 118 6.66 -13.07 -1.85
CA LYS A 118 7.76 -12.51 -2.60
C LYS A 118 7.31 -12.45 -4.05
N PRO A 119 7.83 -11.49 -4.83
CA PRO A 119 7.37 -11.38 -6.23
C PRO A 119 7.61 -12.64 -7.04
N LEU A 120 7.12 -12.62 -8.28
CA LEU A 120 7.29 -13.71 -9.23
C LEU A 120 8.35 -13.34 -10.25
N ASN A 121 8.84 -14.38 -10.94
CA ASN A 121 9.83 -14.22 -11.99
C ASN A 121 9.14 -13.38 -13.05
N GLY A 122 9.84 -12.41 -13.61
CA GLY A 122 9.24 -11.54 -14.60
C GLY A 122 8.44 -10.35 -14.10
N GLU A 123 8.11 -10.24 -12.79
CA GLU A 123 7.38 -9.06 -12.35
C GLU A 123 8.21 -7.79 -12.52
N ASP A 124 9.47 -7.81 -12.08
CA ASP A 124 10.32 -6.63 -12.20
C ASP A 124 10.59 -6.24 -13.64
N GLU A 125 10.95 -7.21 -14.49
CA GLU A 125 11.23 -6.92 -15.88
C GLU A 125 10.01 -6.43 -16.67
N LEU A 126 8.86 -7.07 -16.49
CA LEU A 126 7.66 -6.69 -17.22
C LEU A 126 6.88 -5.52 -16.63
N LEU A 127 7.17 -5.12 -15.40
CA LEU A 127 6.43 -3.99 -14.84
C LEU A 127 6.40 -2.85 -15.86
N GLY A 128 5.21 -2.32 -16.09
CA GLY A 128 5.01 -1.30 -17.10
C GLY A 128 4.86 -1.84 -18.50
N LYS A 129 5.21 -3.10 -18.74
CA LYS A 129 5.09 -3.70 -20.06
C LYS A 129 4.04 -4.80 -20.08
N GLY A 130 2.84 -4.50 -19.57
CA GLY A 130 1.79 -5.48 -19.39
C GLY A 130 1.55 -5.89 -17.96
N VAL A 131 2.49 -5.60 -17.06
CA VAL A 131 2.37 -5.89 -15.63
C VAL A 131 2.04 -4.60 -14.90
N GLY A 132 1.16 -4.69 -13.91
CA GLY A 132 0.77 -3.54 -13.10
C GLY A 132 0.35 -3.99 -11.72
N TYR A 133 0.33 -3.03 -10.79
CA TYR A 133 -0.10 -3.25 -9.40
C TYR A 133 -1.47 -2.64 -9.10
N CYS A 134 -2.03 -1.87 -10.01
CA CYS A 134 -3.37 -1.32 -9.89
C CYS A 134 -4.09 -1.64 -11.20
N ALA A 135 -5.10 -2.52 -11.10
CA ALA A 135 -5.85 -3.03 -12.24
C ALA A 135 -6.95 -2.09 -12.68
N THR A 136 -7.33 -1.20 -11.76
CA THR A 136 -8.27 -0.13 -12.04
C THR A 136 -7.64 0.97 -12.91
N CYS A 137 -6.43 1.41 -12.55
CA CYS A 137 -5.69 2.40 -13.32
C CYS A 137 -5.31 1.88 -14.70
N ASP A 138 -4.83 0.64 -14.77
CA ASP A 138 -4.51 0.03 -16.05
C ASP A 138 -5.67 -0.70 -16.78
N ALA A 139 -6.91 -0.76 -16.24
CA ALA A 139 -8.04 -1.39 -16.91
C ALA A 139 -8.40 -0.73 -18.24
N PRO A 140 -8.28 0.61 -18.34
CA PRO A 140 -8.60 1.17 -19.66
C PRO A 140 -7.67 0.61 -20.75
N LEU A 141 -6.38 0.44 -20.48
CA LEU A 141 -5.45 -0.18 -21.43
C LEU A 141 -5.80 -1.68 -21.52
N TYR A 142 -5.48 -2.29 -22.65
CA TYR A 142 -5.85 -3.68 -22.94
C TYR A 142 -7.37 -3.93 -22.78
N LYS A 143 -8.23 -3.02 -23.24
CA LYS A 143 -9.67 -3.20 -23.17
C LYS A 143 -10.00 -4.25 -24.21
N GLY A 144 -10.99 -5.11 -23.96
CA GLY A 144 -11.24 -6.14 -24.94
C GLY A 144 -10.16 -7.18 -25.09
N LYS A 145 -8.98 -6.97 -24.49
CA LYS A 145 -7.89 -7.93 -24.55
C LYS A 145 -8.07 -8.97 -23.44
N THR A 146 -7.07 -9.85 -23.28
CA THR A 146 -7.14 -10.94 -22.31
C THR A 146 -6.30 -10.58 -21.10
N VAL A 147 -6.91 -10.62 -19.92
CA VAL A 147 -6.29 -10.13 -18.71
C VAL A 147 -6.27 -11.26 -17.69
N ALA A 148 -5.20 -11.31 -16.90
CA ALA A 148 -5.13 -12.16 -15.71
C ALA A 148 -4.87 -11.28 -14.50
N ILE A 149 -5.62 -11.53 -13.42
CA ILE A 149 -5.40 -10.87 -12.15
C ILE A 149 -4.90 -11.91 -11.16
N VAL A 150 -3.78 -11.63 -10.52
CA VAL A 150 -3.28 -12.46 -9.42
C VAL A 150 -3.65 -11.75 -8.12
N GLY A 151 -4.63 -12.30 -7.40
CA GLY A 151 -5.17 -11.64 -6.22
C GLY A 151 -4.63 -12.16 -4.90
N TYR A 152 -3.89 -11.31 -4.20
CA TYR A 152 -3.33 -11.65 -2.90
C TYR A 152 -4.21 -11.18 -1.75
N THR A 153 -5.23 -10.39 -2.07
CA THR A 153 -6.13 -9.88 -1.05
C THR A 153 -7.58 -10.03 -1.49
N LYS A 154 -8.50 -10.06 -0.58
CA LYS A 154 -9.88 -10.19 -0.94
C LYS A 154 -10.38 -9.03 -1.76
N GLU A 155 -9.96 -7.81 -1.49
CA GLU A 155 -10.36 -6.68 -2.33
C GLU A 155 -10.07 -6.85 -3.85
N ALA A 156 -9.07 -7.64 -4.25
CA ALA A 156 -8.78 -7.84 -5.64
C ALA A 156 -10.02 -8.40 -6.32
N GLU A 157 -10.84 -9.19 -5.60
CA GLU A 157 -12.03 -9.72 -6.23
C GLU A 157 -12.92 -8.60 -6.73
N GLU A 158 -13.04 -7.54 -5.94
CA GLU A 158 -13.84 -6.38 -6.35
C GLU A 158 -13.27 -5.73 -7.62
N GLU A 159 -11.94 -5.58 -7.69
CA GLU A 159 -11.34 -5.05 -8.91
C GLU A 159 -11.61 -5.98 -10.10
N ALA A 160 -11.50 -7.30 -9.91
CA ALA A 160 -11.76 -8.22 -11.00
C ALA A 160 -13.19 -8.12 -11.50
N ASN A 161 -14.17 -7.96 -10.61
CA ASN A 161 -15.55 -7.89 -11.08
C ASN A 161 -15.79 -6.68 -11.96
N TYR A 162 -15.08 -5.58 -11.71
CA TYR A 162 -15.20 -4.39 -12.54
C TYR A 162 -14.45 -4.57 -13.85
N VAL A 163 -13.17 -4.97 -13.76
CA VAL A 163 -12.36 -5.22 -14.94
C VAL A 163 -13.06 -6.16 -15.91
N SER A 164 -13.81 -7.13 -15.38
CA SER A 164 -14.48 -8.09 -16.24
C SER A 164 -15.31 -7.43 -17.33
N GLU A 165 -15.83 -6.22 -17.08
CA GLU A 165 -16.75 -5.63 -18.04
C GLU A 165 -16.03 -4.96 -19.21
N LEU A 166 -14.82 -4.43 -18.99
CA LEU A 166 -14.06 -3.84 -20.09
C LEU A 166 -13.32 -4.92 -20.87
N ALA A 167 -12.60 -5.78 -20.15
CA ALA A 167 -11.79 -6.79 -20.79
C ALA A 167 -12.65 -7.87 -21.42
N GLY A 168 -12.05 -8.55 -22.39
CA GLY A 168 -12.63 -9.73 -22.98
C GLY A 168 -11.83 -10.93 -22.53
N LYS A 169 -12.46 -11.77 -21.73
CA LYS A 169 -11.80 -12.87 -21.05
C LYS A 169 -10.89 -12.39 -19.94
N LEU A 170 -11.29 -12.68 -18.71
CA LEU A 170 -10.56 -12.35 -17.50
C LEU A 170 -10.33 -13.65 -16.73
N TYR A 171 -9.08 -13.90 -16.36
CA TYR A 171 -8.72 -14.98 -15.46
C TYR A 171 -8.40 -14.40 -14.08
N TYR A 172 -8.77 -15.12 -13.03
CA TYR A 172 -8.48 -14.67 -11.68
C TYR A 172 -7.76 -15.79 -10.93
N ILE A 173 -6.55 -15.52 -10.45
CA ILE A 173 -5.75 -16.49 -9.69
C ILE A 173 -5.79 -16.10 -8.21
N PRO A 174 -6.55 -16.79 -7.36
CA PRO A 174 -6.55 -16.44 -5.94
C PRO A 174 -5.33 -17.00 -5.24
N MET A 175 -4.72 -16.18 -4.37
CA MET A 175 -3.56 -16.61 -3.59
C MET A 175 -3.91 -16.93 -2.15
N TYR A 176 -5.15 -17.36 -1.93
CA TYR A 176 -5.70 -17.63 -0.61
C TYR A 176 -6.75 -18.71 -0.81
N LYS A 177 -7.22 -19.28 0.30
CA LYS A 177 -8.14 -20.41 0.26
C LYS A 177 -9.61 -20.00 0.34
N ASP A 178 -9.90 -18.81 0.89
CA ASP A 178 -11.28 -18.36 0.99
C ASP A 178 -11.94 -18.38 -0.38
N LYS A 179 -13.15 -18.91 -0.44
CA LYS A 179 -13.86 -18.99 -1.70
C LYS A 179 -14.14 -17.60 -2.24
N VAL A 180 -14.02 -17.44 -3.57
CA VAL A 180 -14.16 -16.15 -4.21
C VAL A 180 -15.62 -15.84 -4.53
N SER A 181 -15.93 -14.54 -4.57
CA SER A 181 -17.24 -14.04 -5.00
C SER A 181 -17.03 -13.21 -6.26
N LEU A 182 -17.16 -13.86 -7.41
CA LEU A 182 -16.82 -13.27 -8.70
C LEU A 182 -17.98 -13.48 -9.66
N LYS A 183 -18.15 -12.54 -10.59
CA LYS A 183 -18.99 -12.80 -11.74
C LYS A 183 -18.67 -14.12 -12.42
N GLU A 184 -19.72 -14.83 -12.85
CA GLU A 184 -19.57 -16.19 -13.36
C GLU A 184 -18.69 -16.24 -14.61
N VAL A 185 -18.65 -15.18 -15.41
CA VAL A 185 -17.86 -15.21 -16.63
C VAL A 185 -16.36 -15.11 -16.40
N ILE A 186 -15.94 -14.89 -15.19
CA ILE A 186 -14.55 -14.79 -14.89
C ILE A 186 -14.04 -16.18 -14.67
N GLU A 187 -12.94 -16.51 -15.28
CA GLU A 187 -12.38 -17.81 -15.13
C GLU A 187 -11.42 -17.88 -14.01
N VAL A 188 -11.75 -18.61 -12.98
CA VAL A 188 -10.94 -18.75 -11.84
C VAL A 188 -9.92 -19.84 -12.05
N VAL A 189 -8.64 -19.55 -11.89
CA VAL A 189 -7.62 -20.57 -12.05
C VAL A 189 -7.05 -20.84 -10.68
N GLU A 190 -7.26 -22.05 -10.18
CA GLU A 190 -6.76 -22.42 -8.86
C GLU A 190 -5.44 -23.19 -9.03
N ASP A 191 -4.39 -22.40 -9.20
CA ASP A 191 -3.06 -22.92 -9.52
C ASP A 191 -2.05 -21.88 -9.06
N LYS A 192 -0.80 -22.31 -8.92
CA LYS A 192 0.21 -21.37 -8.42
C LYS A 192 0.84 -20.65 -9.61
N PRO A 193 0.86 -19.32 -9.65
CA PRO A 193 1.60 -18.66 -10.73
C PRO A 193 3.08 -18.78 -10.44
N ILE A 194 3.85 -19.01 -11.49
CA ILE A 194 5.29 -19.14 -11.39
C ILE A 194 6.00 -17.93 -11.99
N SER A 195 5.65 -17.57 -13.22
CA SER A 195 6.42 -16.60 -13.99
C SER A 195 5.53 -15.90 -14.99
N ILE A 196 5.89 -14.66 -15.32
CA ILE A 196 5.18 -13.86 -16.31
C ILE A 196 5.99 -13.91 -17.62
N LEU A 197 5.34 -14.37 -18.69
CA LEU A 197 6.01 -14.64 -19.95
C LEU A 197 5.89 -13.45 -20.89
N GLY A 198 6.88 -13.32 -21.75
CA GLY A 198 6.96 -12.20 -22.68
C GLY A 198 8.38 -11.70 -22.77
N LYS A 199 8.68 -11.03 -23.88
CA LYS A 199 9.96 -10.37 -24.07
C LYS A 199 9.79 -8.86 -24.24
N ASP A 200 9.24 -8.44 -25.37
CA ASP A 200 8.91 -7.04 -25.54
C ASP A 200 7.78 -6.61 -24.56
N LYS A 201 6.74 -7.45 -24.45
CA LYS A 201 5.60 -7.21 -23.57
C LYS A 201 5.16 -8.55 -22.99
N VAL A 202 4.33 -8.53 -21.94
CA VAL A 202 3.87 -9.78 -21.35
C VAL A 202 3.10 -10.56 -22.42
N SER A 203 3.36 -11.86 -22.53
CA SER A 203 2.65 -12.66 -23.52
C SER A 203 1.76 -13.73 -22.90
N GLY A 204 1.96 -13.97 -21.61
CA GLY A 204 1.22 -15.01 -20.93
C GLY A 204 1.67 -15.14 -19.49
N LEU A 205 1.00 -16.05 -18.79
CA LEU A 205 1.23 -16.31 -17.37
C LEU A 205 1.51 -17.80 -17.23
N GLN A 206 2.69 -18.13 -16.73
CA GLN A 206 3.12 -19.51 -16.60
C GLN A 206 2.73 -19.97 -15.21
N MET A 207 2.02 -21.09 -15.15
CA MET A 207 1.56 -21.67 -13.90
C MET A 207 2.18 -23.04 -13.73
N SER A 208 2.10 -23.60 -12.52
CA SER A 208 2.66 -24.92 -12.29
C SER A 208 1.99 -25.98 -13.19
N LYS A 209 0.65 -25.94 -13.31
CA LYS A 209 -0.06 -26.88 -14.18
C LYS A 209 -0.21 -26.53 -15.69
N GLY A 210 0.19 -25.35 -16.10
CA GLY A 210 0.06 -24.97 -17.48
C GLY A 210 0.43 -23.53 -17.73
N GLU A 211 0.16 -23.07 -18.94
CA GLU A 211 0.46 -21.71 -19.31
C GLU A 211 -0.78 -21.05 -19.91
N ILE A 212 -1.07 -19.82 -19.53
CA ILE A 212 -2.22 -19.12 -20.06
C ILE A 212 -1.77 -17.91 -20.86
N ASN A 213 -2.19 -17.78 -22.13
CA ASN A 213 -1.80 -16.64 -22.91
C ASN A 213 -2.55 -15.42 -22.41
N THR A 214 -1.85 -14.32 -22.17
CA THR A 214 -2.54 -13.11 -21.71
C THR A 214 -1.83 -11.85 -22.14
N ASP A 215 -2.60 -10.80 -22.36
CA ASP A 215 -2.08 -9.48 -22.69
C ASP A 215 -1.53 -8.73 -21.47
N ALA A 216 -2.19 -8.94 -20.32
CA ALA A 216 -1.84 -8.20 -19.11
C ALA A 216 -1.90 -9.15 -17.92
N VAL A 217 -1.02 -8.89 -16.94
CA VAL A 217 -1.03 -9.53 -15.63
C VAL A 217 -1.03 -8.43 -14.58
N PHE A 218 -2.09 -8.37 -13.77
CA PHE A 218 -2.19 -7.42 -12.67
C PHE A 218 -1.97 -8.14 -11.35
N ILE A 219 -1.14 -7.54 -10.50
CA ILE A 219 -0.70 -8.16 -9.25
C ILE A 219 -1.29 -7.31 -8.13
N ILE A 220 -2.22 -7.87 -7.35
CA ILE A 220 -2.98 -7.06 -6.41
C ILE A 220 -2.66 -7.50 -4.98
N LYS A 221 -1.97 -6.62 -4.28
CA LYS A 221 -1.51 -6.81 -2.90
C LYS A 221 -1.83 -5.58 -2.05
N ASP A 222 -1.80 -5.74 -0.73
CA ASP A 222 -2.08 -4.63 0.16
C ASP A 222 -1.01 -3.53 0.12
N SER A 223 0.15 -3.80 -0.45
CA SER A 223 1.20 -2.78 -0.53
C SER A 223 2.22 -3.22 -1.57
N VAL A 224 3.10 -2.27 -1.94
CA VAL A 224 4.23 -2.54 -2.81
C VAL A 224 5.51 -2.18 -2.05
N SER A 225 6.63 -2.72 -2.52
CA SER A 225 7.87 -2.51 -1.79
C SER A 225 8.21 -1.02 -1.72
N PRO A 226 8.64 -0.53 -0.56
CA PRO A 226 8.93 0.92 -0.46
C PRO A 226 9.97 1.39 -1.44
N GLY A 227 10.95 0.54 -1.77
CA GLY A 227 11.99 0.92 -2.70
C GLY A 227 11.48 1.13 -4.09
N LYS A 228 10.35 0.51 -4.42
CA LYS A 228 9.67 0.76 -5.68
C LYS A 228 8.71 1.94 -5.59
N LEU A 229 8.04 2.12 -4.45
CA LEU A 229 7.14 3.26 -4.23
C LEU A 229 7.90 4.56 -4.26
N VAL A 230 9.08 4.58 -3.66
CA VAL A 230 9.89 5.79 -3.55
C VAL A 230 11.28 5.51 -4.10
N PRO A 231 11.49 5.63 -5.42
CA PRO A 231 12.82 5.33 -5.95
C PRO A 231 13.86 6.23 -5.33
N GLY A 232 15.00 5.65 -5.00
CA GLY A 232 16.05 6.36 -4.31
C GLY A 232 16.06 6.14 -2.81
N LEU A 233 15.05 5.46 -2.28
CA LEU A 233 14.99 5.15 -0.85
C LEU A 233 15.90 3.97 -0.55
N LEU A 234 16.73 4.12 0.49
CA LEU A 234 17.67 3.09 0.90
C LEU A 234 17.00 2.04 1.80
N MET A 235 17.16 0.79 1.40
CA MET A 235 16.62 -0.35 2.11
C MET A 235 17.73 -1.13 2.81
N ASN A 236 17.34 -1.75 3.91
CA ASN A 236 18.13 -2.72 4.65
C ASN A 236 17.36 -4.04 4.49
N GLY A 237 17.72 -4.80 3.47
CA GLY A 237 16.97 -5.99 3.11
C GLY A 237 15.53 -5.63 2.78
N GLU A 238 14.60 -6.30 3.46
CA GLU A 238 13.18 -6.13 3.19
C GLU A 238 12.61 -4.84 3.79
N HIS A 239 13.37 -4.12 4.62
CA HIS A 239 12.86 -2.98 5.35
C HIS A 239 13.53 -1.67 4.93
N ILE A 240 12.82 -0.56 5.17
CA ILE A 240 13.42 0.77 5.00
C ILE A 240 14.48 0.98 6.07
N ALA A 241 15.65 1.49 5.68
CA ALA A 241 16.67 1.83 6.68
C ALA A 241 16.23 3.07 7.42
N VAL A 242 16.17 3.00 8.75
CA VAL A 242 15.77 4.16 9.55
C VAL A 242 16.73 4.36 10.71
N ASP A 243 16.76 5.59 11.20
CA ASP A 243 17.44 5.86 12.47
C ASP A 243 16.42 6.00 13.62
N ILE A 244 16.92 6.40 14.79
CA ILE A 244 16.11 6.37 16.01
C ILE A 244 14.96 7.35 15.95
N ASP A 245 15.06 8.31 15.03
CA ASP A 245 14.07 9.35 14.82
C ASP A 245 13.21 9.06 13.59
N MET A 246 13.29 7.81 13.14
CA MET A 246 12.59 7.33 11.97
C MET A 246 12.95 8.10 10.69
N LYS A 247 14.20 8.57 10.55
CA LYS A 247 14.59 9.31 9.38
C LYS A 247 15.14 8.31 8.41
N THR A 248 14.87 8.54 7.14
CA THR A 248 15.42 7.71 6.07
C THR A 248 16.58 8.48 5.42
N ASN A 249 17.15 7.89 4.37
CA ASN A 249 18.21 8.58 3.66
C ASN A 249 17.71 9.81 2.89
N ILE A 250 16.41 9.93 2.62
CA ILE A 250 15.84 11.05 1.88
C ILE A 250 15.34 12.10 2.85
N GLU A 251 15.86 13.33 2.72
CA GLU A 251 15.43 14.38 3.62
C GLU A 251 13.94 14.63 3.44
N GLY A 252 13.23 14.74 4.57
CA GLY A 252 11.80 14.96 4.59
C GLY A 252 10.98 13.71 4.39
N CYS A 253 11.62 12.56 4.32
CA CYS A 253 10.95 11.27 4.17
C CYS A 253 11.24 10.44 5.42
N PHE A 254 10.17 10.01 6.10
CA PHE A 254 10.26 9.26 7.36
C PHE A 254 9.52 7.96 7.18
N ALA A 255 9.75 6.98 8.06
CA ALA A 255 9.07 5.69 7.93
C ALA A 255 8.69 5.16 9.30
N ALA A 256 7.71 4.26 9.30
CA ALA A 256 7.19 3.72 10.57
C ALA A 256 6.44 2.43 10.37
N GLY A 257 6.51 1.57 11.40
CA GLY A 257 5.75 0.33 11.40
C GLY A 257 6.51 -0.83 10.81
N ASP A 258 5.76 -1.83 10.34
CA ASP A 258 6.38 -3.05 9.83
C ASP A 258 7.37 -2.71 8.71
N CYS A 259 7.06 -1.70 7.89
CA CYS A 259 7.95 -1.43 6.77
C CYS A 259 9.33 -0.96 7.23
N ALA A 260 9.46 -0.57 8.50
CA ALA A 260 10.71 -0.07 9.07
C ALA A 260 11.43 -1.14 9.88
N GLY A 261 10.96 -2.38 9.82
CA GLY A 261 11.63 -3.47 10.48
C GLY A 261 10.87 -4.25 11.51
N ARG A 262 11.47 -5.37 11.90
CA ARG A 262 10.90 -6.26 12.90
C ARG A 262 11.13 -5.65 14.29
N PRO A 263 10.33 -6.05 15.30
CA PRO A 263 9.20 -6.97 15.38
C PRO A 263 7.94 -6.40 14.74
N TYR A 264 7.10 -7.24 14.18
CA TYR A 264 5.88 -6.76 13.57
C TYR A 264 4.80 -6.80 14.64
N GLN A 265 4.52 -5.64 15.21
CA GLN A 265 3.52 -5.50 16.26
C GLN A 265 2.79 -4.16 16.20
N TYR A 266 1.57 -4.13 16.74
CA TYR A 266 0.72 -2.95 16.61
C TYR A 266 1.29 -1.75 17.37
N ILE A 267 1.68 -1.94 18.64
CA ILE A 267 1.98 -0.74 19.42
C ILE A 267 3.38 -0.22 19.08
N LYS A 268 4.32 -1.12 18.74
CA LYS A 268 5.57 -0.70 18.13
C LYS A 268 5.30 0.18 16.91
N SER A 269 4.34 -0.24 16.07
CA SER A 269 4.04 0.54 14.87
C SER A 269 3.48 1.90 15.22
N ALA A 270 2.54 1.95 16.17
CA ALA A 270 1.98 3.23 16.61
C ALA A 270 3.05 4.13 17.20
N GLY A 271 3.96 3.58 18.00
CA GLY A 271 5.03 4.40 18.55
C GLY A 271 5.92 4.99 17.48
N GLN A 272 6.28 4.18 16.47
CA GLN A 272 7.13 4.68 15.40
C GLN A 272 6.39 5.72 14.58
N GLY A 273 5.09 5.54 14.41
CA GLY A 273 4.33 6.53 13.66
C GLY A 273 4.36 7.87 14.36
N GLN A 274 4.27 7.85 15.69
CA GLN A 274 4.36 9.08 16.45
C GLN A 274 5.74 9.70 16.32
N ILE A 275 6.81 8.90 16.40
CA ILE A 275 8.15 9.44 16.22
C ILE A 275 8.27 10.08 14.84
N ALA A 276 7.79 9.38 13.82
CA ALA A 276 7.91 9.88 12.45
C ALA A 276 7.17 11.19 12.29
N ALA A 277 5.96 11.28 12.87
CA ALA A 277 5.19 12.52 12.77
C ALA A 277 5.91 13.68 13.46
N LEU A 278 6.44 13.46 14.65
CA LEU A 278 7.13 14.53 15.33
C LEU A 278 8.44 14.92 14.63
N SER A 279 9.12 13.96 13.97
CA SER A 279 10.27 14.31 13.16
C SER A 279 9.86 15.14 11.95
N ALA A 280 8.74 14.78 11.34
CA ALA A 280 8.24 15.56 10.20
C ALA A 280 7.87 16.98 10.63
N VAL A 281 7.24 17.13 11.78
CA VAL A 281 6.90 18.46 12.28
C VAL A 281 8.16 19.31 12.43
N SER A 282 9.20 18.74 13.03
CA SER A 282 10.45 19.46 13.21
CA SER A 282 10.46 19.46 13.20
C SER A 282 11.06 19.85 11.86
N TYR A 283 11.05 18.93 10.90
CA TYR A 283 11.57 19.21 9.56
C TYR A 283 10.81 20.37 8.92
N ILE A 284 9.48 20.31 8.95
CA ILE A 284 8.66 21.35 8.33
C ILE A 284 9.01 22.71 8.91
N ASP A 285 9.10 22.78 10.23
CA ASP A 285 9.44 24.02 10.91
C ASP A 285 10.82 24.54 10.51
N LYS A 286 11.82 23.66 10.47
CA LYS A 286 13.15 24.07 10.03
C LYS A 286 13.14 24.57 8.58
N ILE A 287 12.39 23.92 7.68
CA ILE A 287 12.32 24.37 6.29
C ILE A 287 11.76 25.79 6.17
N LYS A 288 10.71 26.13 6.92
CA LYS A 288 10.17 27.47 6.86
C LYS A 288 11.19 28.54 7.28
N LEU A 289 11.95 28.30 8.36
CA LEU A 289 12.95 29.26 8.80
C LEU A 289 14.07 29.52 7.77
N ASN A 290 14.57 28.48 7.13
CA ASN A 290 15.62 28.66 6.13
C ASN A 290 15.04 28.91 4.75
PA FAD B . -0.32 -2.39 8.26
O1A FAD B . -1.11 -2.81 9.46
O2A FAD B . 0.10 -3.41 7.25
O5B FAD B . -1.15 -1.22 7.54
C5B FAD B . -0.76 -0.74 6.27
C4B FAD B . -1.98 -0.20 5.53
O4B FAD B . -1.58 0.78 4.57
C3B FAD B . -2.68 -1.31 4.78
O3B FAD B . -4.09 -1.11 4.82
C2B FAD B . -2.20 -1.13 3.36
O2B FAD B . -3.12 -1.65 2.40
C1B FAD B . -2.04 0.37 3.27
N9A FAD B . -1.10 0.73 2.19
C8A FAD B . 0.07 0.15 1.93
N7A FAD B . 0.65 0.73 0.85
C5A FAD B . -0.17 1.70 0.42
C6A FAD B . -0.17 2.69 -0.67
N6A FAD B . 0.87 2.77 -1.54
N1A FAD B . -1.23 3.51 -0.77
C2A FAD B . -2.27 3.44 0.07
N3A FAD B . -2.33 2.57 1.09
C4A FAD B . -1.33 1.69 1.30
N1 FAD B . 0.57 -7.56 16.29
C2 FAD B . 0.40 -7.39 17.62
O2 FAD B . 1.05 -6.49 18.19
N3 FAD B . -0.44 -8.13 18.37
C4 FAD B . -1.17 -9.11 17.84
O4 FAD B . -1.94 -9.78 18.54
C4X FAD B . -1.04 -9.37 16.38
N5 FAD B . -1.75 -10.34 15.77
C5X FAD B . -1.62 -10.56 14.44
C6 FAD B . -2.36 -11.57 13.84
C7 FAD B . -2.23 -11.80 12.48
C7M FAD B . -3.04 -12.89 11.82
C8 FAD B . -1.31 -10.98 11.66
C8M FAD B . -1.18 -11.24 10.19
C9 FAD B . -0.56 -9.97 12.27
C9A FAD B . -0.68 -9.73 13.62
N10 FAD B . 0.07 -8.72 14.25
C10 FAD B . -0.11 -8.51 15.62
C1' FAD B . 0.98 -7.88 13.47
C2' FAD B . 0.37 -6.52 13.22
O2' FAD B . -0.84 -6.69 12.47
C3' FAD B . 1.32 -5.62 12.44
O3' FAD B . 2.57 -5.53 13.12
C4' FAD B . 0.74 -4.23 12.28
O4' FAD B . -0.54 -4.31 11.64
C5' FAD B . 1.66 -3.33 11.47
O5' FAD B . 0.92 -2.17 11.12
P FAD B . 1.47 -1.07 10.11
O1P FAD B . 0.76 0.21 10.41
O2P FAD B . 2.96 -1.09 10.07
O3P FAD B . 1.03 -1.62 8.67
H51A FAD B . -0.31 -1.55 5.68
H52A FAD B . -0.02 0.05 6.38
H4B FAD B . -2.68 0.24 6.26
H3B FAD B . -2.39 -2.29 5.16
HO3A FAD B . -4.52 -1.79 4.28
H2B FAD B . -1.21 -1.62 3.24
HO2A FAD B . -3.18 -2.61 2.49
H1B FAD B . -3.03 0.81 3.08
H8A FAD B . 0.50 -0.66 2.49
H61A FAD B . 1.66 2.14 -1.44
H62A FAD B . 0.85 3.45 -2.28
H2A FAD B . -3.10 4.14 -0.07
HN3 FAD B . -0.51 -7.94 19.38
H6 FAD B . -3.04 -12.16 14.44
HM71 FAD B . -3.96 -12.49 11.49
HM72 FAD B . -3.21 -13.67 12.52
HM73 FAD B . -2.50 -13.28 11.00
HM81 FAD B . -0.41 -11.95 10.02
HM82 FAD B . -2.09 -11.61 9.81
HM83 FAD B . -0.92 -10.34 9.69
H9 FAD B . 0.11 -9.37 11.67
H1'1 FAD B . 1.24 -8.35 12.52
H1'2 FAD B . 1.92 -7.76 14.03
H2' FAD B . 0.15 -6.05 14.19
HO2' FAD B . -0.63 -7.10 11.63
H3' FAD B . 1.47 -6.05 11.44
HO3' FAD B . 2.44 -5.13 13.99
H4' FAD B . 0.62 -3.79 13.29
HO4' FAD B . -0.43 -4.68 10.76
H5'1 FAD B . 1.99 -3.85 10.57
H5'2 FAD B . 2.53 -3.06 12.07
C1 PEG C . -7.22 2.25 -1.04
O1 PEG C . -8.05 1.33 -1.76
C2 PEG C . -6.18 1.49 -0.25
O2 PEG C . -5.54 0.55 -1.09
C3 PEG C . -4.27 0.14 -0.59
C4 PEG C . -3.59 -0.77 -1.61
O4 PEG C . -2.18 -0.74 -1.42
H11 PEG C . -6.73 2.92 -1.75
H12 PEG C . -7.83 2.86 -0.38
HO1 PEG C . -8.71 1.83 -2.28
H21 PEG C . -5.44 2.18 0.17
H22 PEG C . -6.66 0.97 0.59
H31 PEG C . -3.65 1.03 -0.41
H32 PEG C . -4.39 -0.39 0.36
H41 PEG C . -3.84 -0.43 -2.62
H42 PEG C . -3.96 -1.80 -1.49
HO4 PEG C . -1.76 -1.31 -2.07
C1 PEG D . -4.74 -16.12 27.36
O1 PEG D . -3.32 -16.17 27.44
C2 PEG D . -5.26 -14.82 27.95
O2 PEG D . -4.49 -14.48 29.10
C3 PEG D . -5.30 -13.94 30.13
C4 PEG D . -4.44 -13.57 31.32
O4 PEG D . -3.43 -14.57 31.52
H11 PEG D . -5.06 -16.20 26.31
H12 PEG D . -5.18 -16.97 27.91
HO1 PEG D . -3.00 -17.00 27.06
H21 PEG D . -5.18 -14.02 27.20
H22 PEG D . -6.31 -14.92 28.22
H31 PEG D . -6.04 -14.68 30.43
H32 PEG D . -5.83 -13.05 29.76
H41 PEG D . -3.96 -12.60 31.14
H42 PEG D . -5.06 -13.47 32.21
HO4 PEG D . -2.89 -14.33 32.29
#